data_5UZF
#
_entry.id   5UZF
#
loop_
_entity.id
_entity.type
_entity.pdbx_description
1 polymer "DNA (5'-D(*CP*GP*AP*TP*TP*TP*TP*TP*TP*GP*GP*C)-3')"
2 polymer "DNA (5'-D(*GP*CP*CP*AP*AP*AP*AP*AP*AP*TP*CP*G)-3')"
#
loop_
_entity_poly.entity_id
_entity_poly.type
_entity_poly.pdbx_seq_one_letter_code
_entity_poly.pdbx_strand_id
1 'polydeoxyribonucleotide' (DC)(DG)(DA)(DT)(DT)(DT)(DT)(DT)(DT)(DG)(DG)(DC) A
2 'polydeoxyribonucleotide' (DG)(DC)(DC)(DA)(DA)(DA)(DA)(DA)(DA)(DT)(DC)(DG) B
#
loop_
_chem_comp.id
_chem_comp.type
_chem_comp.name
_chem_comp.formula
DA DNA linking 2'-DEOXYADENOSINE-5'-MONOPHOSPHATE 'C10 H14 N5 O6 P'
DC DNA linking 2'-DEOXYCYTIDINE-5'-MONOPHOSPHATE 'C9 H14 N3 O7 P'
DG DNA linking 2'-DEOXYGUANOSINE-5'-MONOPHOSPHATE 'C10 H14 N5 O7 P'
DT DNA linking THYMIDINE-5'-MONOPHOSPHATE 'C10 H15 N2 O8 P'
#